data_4C4R
#
_entry.id   4C4R
#
_cell.length_a   38.012
_cell.length_b   54.201
_cell.length_c   105.407
_cell.angle_alpha   90.00
_cell.angle_beta   90.00
_cell.angle_gamma   90.00
#
_symmetry.space_group_name_H-M   'P 21 21 21'
#
loop_
_entity.id
_entity.type
_entity.pdbx_description
1 polymer BETA-PHOSPHOGLUCOMUTASE
2 non-polymer 'MAGNESIUM ION'
3 non-polymer (1R)-1,5-anhydro-1-(phosphonomethyl)-D-glucitol
4 non-polymer TRIFLUOROMAGNESATE
5 water water
#
_entity_poly.entity_id   1
_entity_poly.type   'polypeptide(L)'
_entity_poly.pdbx_seq_one_letter_code
;MFKAVLFDLDGVITDTAEYHFRAWKALAEEIGINGVDRQFNEQLKGVSREDSLQKILDLADKKVSAEEFKELAKRKNDNY
VKMIQDVSPADVYPGILQLLKDLRSNKIKIALASASKNGPFLLERMNLTGYFDAIADPAEVAASKPAPDIFIAAAHAVGV
APSESIGLEDSQAGIQAIKDSGALPIGVGRPEDLGDDIVIVPDTSHYTLEFLKEVWLQKQK
;
_entity_poly.pdbx_strand_id   A
#
# COMPACT_ATOMS: atom_id res chain seq x y z
N MET A 1 -9.05 18.10 -15.08
CA MET A 1 -8.65 17.86 -13.67
C MET A 1 -8.76 16.37 -13.40
N PHE A 2 -7.94 15.83 -12.51
CA PHE A 2 -8.09 14.44 -12.13
C PHE A 2 -9.47 14.20 -11.52
N LYS A 3 -9.97 12.99 -11.73
CA LYS A 3 -11.33 12.61 -11.34
C LYS A 3 -11.36 11.50 -10.28
N ALA A 4 -10.19 10.93 -9.95
CA ALA A 4 -10.10 9.92 -8.90
C ALA A 4 -8.74 9.95 -8.26
N VAL A 5 -8.69 9.55 -6.99
CA VAL A 5 -7.44 9.28 -6.29
C VAL A 5 -7.50 7.84 -5.80
N LEU A 6 -6.44 7.11 -6.13
CA LEU A 6 -6.31 5.68 -5.86
C LEU A 6 -5.27 5.54 -4.74
N PHE A 7 -5.72 5.07 -3.57
CA PHE A 7 -4.90 5.05 -2.36
C PHE A 7 -4.34 3.67 -2.07
N ASP A 8 -3.02 3.56 -1.95
CA ASP A 8 -2.46 2.47 -1.16
C ASP A 8 -2.88 2.70 0.30
N LEU A 9 -2.80 1.64 1.11
CA LEU A 9 -3.10 1.79 2.54
C LEU A 9 -1.83 1.82 3.38
N ASP A 10 -1.11 0.71 3.42
CA ASP A 10 0.00 0.58 4.35
C ASP A 10 1.13 1.54 4.01
N GLY A 11 1.44 2.43 4.93
CA GLY A 11 2.45 3.46 4.70
C GLY A 11 1.94 4.72 4.00
N VAL A 12 0.65 4.77 3.65
CA VAL A 12 0.05 5.96 3.02
C VAL A 12 -1.10 6.51 3.88
N ILE A 13 -2.01 5.66 4.30
CA ILE A 13 -3.12 6.07 5.15
C ILE A 13 -2.75 6.01 6.64
N THR A 14 -1.90 5.03 6.99
CA THR A 14 -1.45 4.87 8.37
C THR A 14 -0.12 4.12 8.38
N ASP A 15 0.46 3.97 9.56
CA ASP A 15 1.82 3.46 9.73
C ASP A 15 1.90 1.93 9.77
N THR A 16 1.03 1.24 9.06
CA THR A 16 1.01 -0.21 9.09
C THR A 16 2.10 -0.85 8.25
N ALA A 17 2.79 -0.10 7.38
CA ALA A 17 3.99 -0.66 6.76
C ALA A 17 5.02 -1.06 7.82
N GLU A 18 5.10 -0.29 8.90
CA GLU A 18 6.01 -0.59 9.99
C GLU A 18 5.63 -1.90 10.67
N TYR A 19 4.33 -2.12 10.85
CA TYR A 19 3.82 -3.35 11.46
C TYR A 19 4.11 -4.56 10.54
N HIS A 20 3.85 -4.47 9.24
CA HIS A 20 4.22 -5.54 8.32
C HIS A 20 5.72 -5.85 8.40
N PHE A 21 6.55 -4.81 8.43
CA PHE A 21 8.00 -5.01 8.54
C PHE A 21 8.34 -5.80 9.78
N ARG A 22 7.85 -5.36 10.93
CA ARG A 22 8.15 -6.04 12.19
C ARG A 22 7.66 -7.49 12.16
N ALA A 23 6.48 -7.74 11.61
CA ALA A 23 5.94 -9.08 11.57
C ALA A 23 6.74 -9.98 10.61
N TRP A 24 7.09 -9.49 9.43
CA TRP A 24 7.91 -10.30 8.52
C TRP A 24 9.29 -10.59 9.09
N LYS A 25 9.89 -9.60 9.73
CA LYS A 25 11.20 -9.80 10.33
C LYS A 25 11.14 -10.89 11.41
N ALA A 26 10.09 -10.87 12.23
CA ALA A 26 9.94 -11.87 13.27
C ALA A 26 9.80 -13.26 12.66
N LEU A 27 8.99 -13.38 11.62
N LEU A 27 9.00 -13.35 11.59
CA LEU A 27 8.86 -14.66 10.96
CA LEU A 27 8.80 -14.61 10.86
C LEU A 27 10.21 -15.12 10.42
C LEU A 27 10.11 -15.15 10.29
N ALA A 28 10.85 -14.29 9.63
CA ALA A 28 12.12 -14.65 9.02
C ALA A 28 13.11 -15.16 10.07
N GLU A 29 13.24 -14.45 11.17
CA GLU A 29 14.19 -14.83 12.20
C GLU A 29 13.82 -16.15 12.86
N GLU A 30 12.53 -16.44 12.97
CA GLU A 30 12.11 -17.73 13.50
C GLU A 30 12.62 -18.88 12.63
N ILE A 31 12.74 -18.63 11.34
CA ILE A 31 13.23 -19.65 10.42
C ILE A 31 14.71 -19.46 10.07
N GLY A 32 15.40 -18.64 10.85
CA GLY A 32 16.84 -18.53 10.73
C GLY A 32 17.32 -17.65 9.59
N ILE A 33 16.46 -16.78 9.09
CA ILE A 33 16.78 -15.83 8.04
C ILE A 33 16.86 -14.44 8.68
N ASN A 34 18.05 -13.86 8.66
N ASN A 34 18.06 -13.88 8.72
CA ASN A 34 18.32 -12.63 9.38
CA ASN A 34 18.28 -12.61 9.42
C ASN A 34 18.48 -11.41 8.49
C ASN A 34 18.37 -11.38 8.52
N GLY A 35 18.19 -11.55 7.21
CA GLY A 35 18.39 -10.48 6.26
C GLY A 35 17.23 -9.51 6.06
N VAL A 36 16.13 -9.68 6.79
CA VAL A 36 15.01 -8.76 6.66
C VAL A 36 15.26 -7.53 7.54
N ASP A 37 16.04 -6.59 6.98
CA ASP A 37 16.25 -5.32 7.61
C ASP A 37 15.45 -4.23 6.86
N ARG A 38 15.56 -2.99 7.30
CA ARG A 38 14.75 -1.94 6.67
C ARG A 38 15.02 -1.83 5.18
N GLN A 39 16.27 -1.94 4.78
CA GLN A 39 16.60 -1.83 3.37
C GLN A 39 15.94 -2.95 2.58
N PHE A 40 16.07 -4.19 3.04
CA PHE A 40 15.45 -5.30 2.35
C PHE A 40 13.93 -5.12 2.31
N ASN A 41 13.36 -4.63 3.40
CA ASN A 41 11.92 -4.48 3.48
C ASN A 41 11.34 -3.55 2.40
N GLU A 42 12.16 -2.68 1.81
CA GLU A 42 11.66 -1.89 0.68
C GLU A 42 11.13 -2.79 -0.43
N GLN A 43 11.69 -3.99 -0.56
CA GLN A 43 11.22 -4.96 -1.57
C GLN A 43 9.93 -5.67 -1.20
N LEU A 44 9.50 -5.52 0.06
CA LEU A 44 8.27 -6.14 0.54
C LEU A 44 7.11 -5.16 0.60
N LYS A 45 7.40 -3.86 0.54
CA LYS A 45 6.32 -2.88 0.58
C LYS A 45 5.46 -2.99 -0.68
N GLY A 46 4.15 -3.11 -0.49
CA GLY A 46 3.22 -3.18 -1.61
C GLY A 46 3.05 -4.53 -2.27
N VAL A 47 3.80 -5.53 -1.83
CA VAL A 47 3.84 -6.83 -2.48
C VAL A 47 2.90 -7.81 -1.75
N SER A 48 2.30 -8.72 -2.50
CA SER A 48 1.33 -9.63 -1.89
C SER A 48 1.97 -10.46 -0.77
N ARG A 49 1.12 -11.02 0.08
CA ARG A 49 1.60 -11.84 1.20
C ARG A 49 2.51 -12.97 0.71
N GLU A 50 2.17 -13.84 -0.01
CA GLU A 50 3.05 -14.90 -0.53
C GLU A 50 4.23 -14.33 -1.31
N ASP A 51 4.01 -13.38 -2.32
CA ASP A 51 5.21 -12.91 -3.01
C ASP A 51 6.21 -12.36 -1.99
N SER A 52 5.72 -11.76 -0.91
CA SER A 52 6.59 -11.26 0.16
C SER A 52 7.34 -12.41 0.83
N LEU A 53 6.60 -13.43 1.23
CA LEU A 53 7.23 -14.60 1.84
C LEU A 53 8.26 -15.22 0.91
N GLN A 54 7.93 -15.34 -0.37
CA GLN A 54 8.88 -15.95 -1.28
C GLN A 54 10.15 -15.11 -1.43
N LYS A 55 10.02 -13.79 -1.40
N LYS A 55 10.03 -13.79 -1.41
CA LYS A 55 11.19 -12.93 -1.48
CA LYS A 55 11.23 -12.96 -1.48
C LYS A 55 12.12 -13.14 -0.25
C LYS A 55 12.13 -13.22 -0.26
N ILE A 56 11.51 -13.39 0.91
CA ILE A 56 12.25 -13.68 2.12
C ILE A 56 12.97 -15.02 2.00
N LEU A 57 12.27 -16.05 1.53
CA LEU A 57 12.87 -17.36 1.35
C LEU A 57 14.00 -17.30 0.31
N ASP A 58 13.82 -16.56 -0.77
CA ASP A 58 14.82 -16.48 -1.85
C ASP A 58 16.06 -15.73 -1.40
N LEU A 59 15.83 -14.68 -0.64
CA LEU A 59 16.90 -13.93 -0.01
C LEU A 59 17.95 -14.87 0.57
N ALA A 60 17.48 -15.96 1.20
CA ALA A 60 18.37 -16.90 1.87
C ALA A 60 18.59 -18.18 1.06
N ASP A 61 18.06 -18.22 -0.15
CA ASP A 61 18.09 -19.43 -0.97
C ASP A 61 17.58 -20.62 -0.16
N LYS A 62 16.52 -20.39 0.60
CA LYS A 62 15.92 -21.43 1.42
C LYS A 62 14.72 -22.09 0.73
N LYS A 63 14.67 -23.41 0.77
CA LYS A 63 13.50 -24.14 0.26
C LYS A 63 12.74 -24.85 1.39
N VAL A 64 11.45 -24.57 1.45
CA VAL A 64 10.55 -25.19 2.40
C VAL A 64 9.48 -25.94 1.60
N SER A 65 8.81 -26.87 2.26
CA SER A 65 7.75 -27.60 1.60
C SER A 65 6.54 -26.69 1.35
N ALA A 66 5.67 -27.13 0.45
CA ALA A 66 4.44 -26.40 0.17
C ALA A 66 3.62 -26.24 1.46
N GLU A 67 3.59 -27.28 2.28
CA GLU A 67 2.86 -27.23 3.54
C GLU A 67 3.46 -26.19 4.48
N GLU A 68 4.79 -26.16 4.57
CA GLU A 68 5.44 -25.19 5.44
C GLU A 68 5.23 -23.76 4.92
N PHE A 69 5.30 -23.56 3.61
CA PHE A 69 5.07 -22.23 3.02
C PHE A 69 3.72 -21.70 3.46
N LYS A 70 2.70 -22.53 3.35
CA LYS A 70 1.35 -22.12 3.72
C LYS A 70 1.28 -21.77 5.21
N GLU A 71 1.90 -22.60 6.04
CA GLU A 71 1.89 -22.31 7.47
C GLU A 71 2.62 -21.02 7.80
N LEU A 72 3.72 -20.73 7.14
CA LEU A 72 4.48 -19.53 7.43
C LEU A 72 3.72 -18.26 7.07
N ALA A 73 3.07 -18.26 5.92
CA ALA A 73 2.26 -17.10 5.54
C ALA A 73 1.13 -16.86 6.53
N LYS A 74 0.48 -17.94 6.94
CA LYS A 74 -0.58 -17.85 7.93
C LYS A 74 -0.04 -17.37 9.28
N ARG A 75 1.12 -17.88 9.66
CA ARG A 75 1.73 -17.51 10.94
C ARG A 75 2.01 -16.01 11.00
N LYS A 76 2.62 -15.48 9.94
CA LYS A 76 2.88 -14.04 9.94
C LYS A 76 1.57 -13.24 9.94
N ASN A 77 0.58 -13.66 9.14
CA ASN A 77 -0.67 -12.92 9.12
C ASN A 77 -1.39 -12.97 10.46
N ASP A 78 -1.37 -14.13 11.13
CA ASP A 78 -2.03 -14.21 12.43
C ASP A 78 -1.39 -13.24 13.44
N ASN A 79 -0.08 -13.14 13.40
CA ASN A 79 0.63 -12.20 14.24
C ASN A 79 0.30 -10.74 13.88
N TYR A 80 0.38 -10.42 12.59
CA TYR A 80 0.05 -9.09 12.11
C TYR A 80 -1.38 -8.70 12.53
N VAL A 81 -2.32 -9.61 12.36
CA VAL A 81 -3.71 -9.32 12.73
C VAL A 81 -3.83 -9.03 14.22
N LYS A 82 -3.14 -9.78 15.09
CA LYS A 82 -3.11 -9.40 16.49
C LYS A 82 -2.51 -8.01 16.69
N MET A 83 -1.44 -7.71 15.96
CA MET A 83 -0.76 -6.43 16.11
C MET A 83 -1.60 -5.21 15.79
N ILE A 84 -2.61 -5.35 14.93
CA ILE A 84 -3.38 -4.19 14.48
C ILE A 84 -4.74 -4.05 15.18
N GLN A 85 -5.03 -4.87 16.19
CA GLN A 85 -6.37 -4.80 16.80
C GLN A 85 -6.69 -3.46 17.42
N ASP A 86 -5.68 -2.76 17.92
CA ASP A 86 -5.92 -1.49 18.62
C ASP A 86 -5.71 -0.25 17.74
N VAL A 87 -5.47 -0.43 16.45
CA VAL A 87 -5.44 0.70 15.51
C VAL A 87 -6.78 1.45 15.63
N SER A 88 -6.72 2.77 15.56
CA SER A 88 -7.93 3.59 15.76
C SER A 88 -7.87 4.82 14.86
N PRO A 89 -8.91 5.65 14.91
CA PRO A 89 -8.85 6.87 14.08
C PRO A 89 -7.68 7.77 14.45
N ALA A 90 -7.18 7.67 15.67
CA ALA A 90 -6.04 8.49 16.07
C ALA A 90 -4.77 8.12 15.32
N ASP A 91 -4.75 6.95 14.70
CA ASP A 91 -3.58 6.51 13.96
C ASP A 91 -3.58 6.91 12.48
N VAL A 92 -4.65 7.55 12.01
CA VAL A 92 -4.65 8.02 10.64
C VAL A 92 -3.48 9.01 10.49
N TYR A 93 -2.73 8.88 9.41
CA TYR A 93 -1.60 9.77 9.20
C TYR A 93 -2.05 11.22 8.98
N PRO A 94 -1.15 12.18 9.27
CA PRO A 94 -1.50 13.59 9.08
C PRO A 94 -1.93 13.85 7.64
N GLY A 95 -2.93 14.71 7.49
CA GLY A 95 -3.41 15.12 6.18
C GLY A 95 -4.45 14.22 5.56
N ILE A 96 -4.46 12.94 5.89
CA ILE A 96 -5.25 11.99 5.14
C ILE A 96 -6.76 12.20 5.35
N LEU A 97 -7.23 12.36 6.59
CA LEU A 97 -8.65 12.53 6.82
C LEU A 97 -9.17 13.77 6.08
N GLN A 98 -8.43 14.86 6.18
CA GLN A 98 -8.86 16.11 5.56
C GLN A 98 -8.83 15.98 4.04
N LEU A 99 -7.86 15.28 3.50
CA LEU A 99 -7.80 15.04 2.06
C LEU A 99 -9.06 14.32 1.60
N LEU A 100 -9.43 13.24 2.30
CA LEU A 100 -10.62 12.49 1.94
C LEU A 100 -11.87 13.38 1.94
N LYS A 101 -12.02 14.18 2.98
CA LYS A 101 -13.14 15.12 3.05
C LYS A 101 -13.12 16.11 1.87
N ASP A 102 -11.95 16.65 1.58
CA ASP A 102 -11.83 17.66 0.52
C ASP A 102 -12.10 17.03 -0.85
N LEU A 103 -11.63 15.82 -1.07
CA LEU A 103 -11.90 15.14 -2.32
C LEU A 103 -13.40 14.94 -2.51
N ARG A 104 -14.10 14.50 -1.48
CA ARG A 104 -15.53 14.25 -1.63
C ARG A 104 -16.27 15.55 -1.90
N SER A 105 -15.85 16.63 -1.26
N SER A 105 -15.90 16.64 -1.23
CA SER A 105 -16.48 17.93 -1.46
CA SER A 105 -16.55 17.92 -1.51
C SER A 105 -16.28 18.48 -2.88
C SER A 105 -16.40 18.31 -2.96
N ASN A 106 -15.26 17.98 -3.56
CA ASN A 106 -14.98 18.33 -4.94
C ASN A 106 -15.35 17.25 -5.94
N LYS A 107 -16.12 16.24 -5.47
CA LYS A 107 -16.67 15.21 -6.33
C LYS A 107 -15.58 14.37 -7.01
N ILE A 108 -14.44 14.22 -6.36
CA ILE A 108 -13.35 13.39 -6.87
C ILE A 108 -13.48 12.03 -6.20
N LYS A 109 -13.52 10.98 -7.01
CA LYS A 109 -13.71 9.63 -6.51
C LYS A 109 -12.50 9.14 -5.74
N ILE A 110 -12.77 8.25 -4.78
CA ILE A 110 -11.77 7.73 -3.85
C ILE A 110 -11.85 6.21 -3.88
N ALA A 111 -10.73 5.57 -4.20
CA ALA A 111 -10.69 4.11 -4.25
C ALA A 111 -9.46 3.59 -3.55
N LEU A 112 -9.59 2.42 -2.92
CA LEU A 112 -8.45 1.74 -2.31
C LEU A 112 -7.83 0.77 -3.30
N ALA A 113 -6.50 0.86 -3.42
CA ALA A 113 -5.70 0.00 -4.25
C ALA A 113 -4.58 -0.60 -3.39
N SER A 114 -4.96 -1.32 -2.35
CA SER A 114 -4.04 -1.96 -1.41
C SER A 114 -3.86 -3.44 -1.72
N ALA A 115 -2.63 -3.95 -1.60
CA ALA A 115 -2.40 -5.40 -1.67
C ALA A 115 -3.04 -6.16 -0.52
N SER A 116 -3.43 -5.47 0.54
CA SER A 116 -3.70 -6.15 1.79
C SER A 116 -5.13 -6.66 1.93
N LYS A 117 -5.22 -7.94 2.26
CA LYS A 117 -6.50 -8.52 2.60
C LYS A 117 -7.04 -7.96 3.92
N ASN A 118 -6.17 -7.34 4.72
CA ASN A 118 -6.54 -6.67 5.95
C ASN A 118 -6.99 -5.21 5.75
N GLY A 119 -7.07 -4.77 4.51
CA GLY A 119 -7.46 -3.39 4.20
C GLY A 119 -8.82 -3.00 4.74
N PRO A 120 -9.86 -3.78 4.41
CA PRO A 120 -11.19 -3.38 4.90
C PRO A 120 -11.26 -3.29 6.43
N PHE A 121 -10.65 -4.24 7.13
CA PHE A 121 -10.63 -4.19 8.59
C PHE A 121 -9.95 -2.92 9.09
N LEU A 122 -8.84 -2.55 8.48
CA LEU A 122 -8.14 -1.34 8.90
C LEU A 122 -8.94 -0.06 8.61
N LEU A 123 -9.60 0.03 7.46
CA LEU A 123 -10.42 1.20 7.20
C LEU A 123 -11.56 1.30 8.21
N GLU A 124 -12.12 0.17 8.64
CA GLU A 124 -13.13 0.19 9.69
C GLU A 124 -12.51 0.64 11.03
N ARG A 125 -11.33 0.13 11.38
CA ARG A 125 -10.68 0.55 12.62
C ARG A 125 -10.51 2.06 12.68
N MET A 126 -10.19 2.64 11.53
CA MET A 126 -9.89 4.06 11.45
C MET A 126 -11.09 4.96 11.13
N ASN A 127 -12.28 4.37 11.04
CA ASN A 127 -13.50 5.12 10.66
C ASN A 127 -13.30 5.85 9.33
N LEU A 128 -12.75 5.13 8.37
CA LEU A 128 -12.50 5.68 7.04
C LEU A 128 -13.34 5.04 5.94
N THR A 129 -14.03 3.94 6.21
CA THR A 129 -14.72 3.23 5.12
C THR A 129 -15.68 4.13 4.36
N GLY A 130 -16.39 4.99 5.09
CA GLY A 130 -17.36 5.88 4.47
C GLY A 130 -16.78 6.89 3.47
N TYR A 131 -15.47 7.08 3.47
CA TYR A 131 -14.87 7.96 2.47
C TYR A 131 -14.64 7.30 1.14
N PHE A 132 -14.63 5.97 1.11
CA PHE A 132 -14.23 5.23 -0.08
C PHE A 132 -15.41 4.88 -0.96
N ASP A 133 -15.31 5.27 -2.22
CA ASP A 133 -16.28 4.90 -3.23
C ASP A 133 -16.11 3.45 -3.68
N ALA A 134 -14.89 2.92 -3.56
CA ALA A 134 -14.65 1.51 -3.87
C ALA A 134 -13.40 1.04 -3.20
N ILE A 135 -13.35 -0.28 -2.99
CA ILE A 135 -12.15 -0.97 -2.55
C ILE A 135 -11.87 -2.06 -3.57
N ALA A 136 -10.72 -1.99 -4.25
CA ALA A 136 -10.34 -3.07 -5.17
C ALA A 136 -9.86 -4.25 -4.32
N ASP A 137 -10.52 -5.38 -4.49
CA ASP A 137 -10.25 -6.53 -3.66
C ASP A 137 -9.02 -7.24 -4.22
N PRO A 138 -7.92 -7.28 -3.48
CA PRO A 138 -6.70 -7.86 -4.04
C PRO A 138 -6.81 -9.39 -4.26
N ALA A 139 -7.75 -10.06 -3.59
CA ALA A 139 -7.98 -11.48 -3.84
C ALA A 139 -8.60 -11.72 -5.22
N GLU A 140 -9.21 -10.68 -5.77
CA GLU A 140 -9.84 -10.76 -7.09
C GLU A 140 -8.88 -10.32 -8.19
N VAL A 141 -7.74 -9.79 -7.78
CA VAL A 141 -6.71 -9.33 -8.70
C VAL A 141 -5.45 -10.17 -8.52
N ALA A 142 -5.28 -11.17 -9.37
CA ALA A 142 -4.21 -12.13 -9.16
C ALA A 142 -2.80 -11.55 -9.20
N ALA A 143 -2.60 -10.53 -10.03
CA ALA A 143 -1.25 -10.01 -10.25
C ALA A 143 -0.89 -8.96 -9.20
N SER A 144 0.15 -9.23 -8.42
CA SER A 144 0.53 -8.27 -7.40
C SER A 144 1.22 -7.09 -8.05
N LYS A 145 1.21 -5.96 -7.34
CA LYS A 145 2.18 -4.92 -7.63
C LYS A 145 3.53 -5.64 -7.72
N PRO A 146 4.39 -5.26 -8.67
CA PRO A 146 4.34 -4.06 -9.51
C PRO A 146 3.45 -4.12 -10.76
N ALA A 147 2.73 -5.21 -11.01
CA ALA A 147 1.76 -5.17 -12.11
C ALA A 147 0.73 -4.08 -11.82
N PRO A 148 0.21 -3.43 -12.88
CA PRO A 148 -0.72 -2.30 -12.71
C PRO A 148 -2.15 -2.68 -12.36
N ASP A 149 -2.44 -3.98 -12.38
CA ASP A 149 -3.81 -4.48 -12.33
C ASP A 149 -4.65 -3.91 -11.19
N ILE A 150 -4.11 -3.83 -9.98
CA ILE A 150 -4.90 -3.39 -8.86
C ILE A 150 -5.31 -1.90 -8.99
N PHE A 151 -4.41 -1.08 -9.55
CA PHE A 151 -4.74 0.32 -9.80
C PHE A 151 -5.73 0.46 -10.94
N ILE A 152 -5.58 -0.34 -11.99
CA ILE A 152 -6.55 -0.36 -13.07
C ILE A 152 -7.94 -0.73 -12.54
N ALA A 153 -7.97 -1.72 -11.66
CA ALA A 153 -9.23 -2.18 -11.08
C ALA A 153 -9.87 -1.12 -10.18
N ALA A 154 -9.06 -0.45 -9.39
CA ALA A 154 -9.54 0.59 -8.49
C ALA A 154 -10.18 1.73 -9.29
N ALA A 155 -9.50 2.15 -10.36
CA ALA A 155 -10.04 3.20 -11.23
C ALA A 155 -11.35 2.74 -11.88
N HIS A 156 -11.37 1.51 -12.40
CA HIS A 156 -12.57 1.02 -13.05
C HIS A 156 -13.76 0.97 -12.09
N ALA A 157 -13.49 0.60 -10.84
CA ALA A 157 -14.54 0.49 -9.85
C ALA A 157 -15.23 1.81 -9.54
N VAL A 158 -14.57 2.93 -9.82
CA VAL A 158 -15.20 4.24 -9.63
C VAL A 158 -15.51 4.95 -10.95
N GLY A 159 -15.40 4.22 -12.06
CA GLY A 159 -15.82 4.76 -13.34
C GLY A 159 -14.92 5.85 -13.90
N VAL A 160 -13.63 5.81 -13.55
CA VAL A 160 -12.67 6.82 -13.98
C VAL A 160 -11.50 6.16 -14.70
N ALA A 161 -11.05 6.75 -15.80
CA ALA A 161 -9.89 6.25 -16.52
C ALA A 161 -8.65 6.36 -15.62
N PRO A 162 -7.75 5.36 -15.64
CA PRO A 162 -6.49 5.55 -14.92
C PRO A 162 -5.76 6.83 -15.32
N SER A 163 -5.83 7.21 -16.59
CA SER A 163 -5.12 8.40 -17.05
C SER A 163 -5.66 9.67 -16.43
N GLU A 164 -6.86 9.62 -15.84
CA GLU A 164 -7.43 10.78 -15.15
C GLU A 164 -7.42 10.58 -13.64
N SER A 165 -6.50 9.74 -13.17
CA SER A 165 -6.38 9.43 -11.75
C SER A 165 -4.98 9.73 -11.23
N ILE A 166 -4.91 10.03 -9.94
CA ILE A 166 -3.66 10.10 -9.20
C ILE A 166 -3.57 8.85 -8.30
N GLY A 167 -2.40 8.26 -8.19
CA GLY A 167 -2.15 7.17 -7.26
C GLY A 167 -1.18 7.62 -6.17
N LEU A 168 -1.48 7.29 -4.92
CA LEU A 168 -0.65 7.64 -3.78
C LEU A 168 -0.02 6.35 -3.22
N GLU A 169 1.30 6.33 -3.11
CA GLU A 169 2.07 5.12 -2.79
C GLU A 169 3.30 5.45 -1.97
N ASP A 170 3.71 4.48 -1.15
CA ASP A 170 4.95 4.57 -0.40
C ASP A 170 5.99 3.54 -0.84
N SER A 171 5.76 2.81 -1.93
CA SER A 171 6.60 1.66 -2.26
C SER A 171 7.13 1.69 -3.68
N GLN A 172 8.27 1.05 -3.87
CA GLN A 172 8.84 0.84 -5.18
C GLN A 172 7.88 0.09 -6.10
N ALA A 173 7.37 -1.04 -5.62
CA ALA A 173 6.49 -1.86 -6.46
C ALA A 173 5.24 -1.09 -6.84
N GLY A 174 4.67 -0.37 -5.90
CA GLY A 174 3.44 0.37 -6.15
C GLY A 174 3.62 1.57 -7.07
N ILE A 175 4.75 2.25 -6.96
CA ILE A 175 5.02 3.32 -7.91
C ILE A 175 5.08 2.77 -9.33
N GLN A 176 5.76 1.64 -9.52
CA GLN A 176 5.83 1.03 -10.84
C GLN A 176 4.43 0.65 -11.34
N ALA A 177 3.61 0.10 -10.46
CA ALA A 177 2.25 -0.29 -10.80
C ALA A 177 1.43 0.92 -11.23
N ILE A 178 1.57 2.04 -10.51
CA ILE A 178 0.85 3.25 -10.88
C ILE A 178 1.31 3.69 -12.28
N LYS A 179 2.62 3.78 -12.46
CA LYS A 179 3.16 4.19 -13.76
C LYS A 179 2.55 3.36 -14.89
N ASP A 180 2.52 2.05 -14.72
CA ASP A 180 2.13 1.18 -15.82
C ASP A 180 0.62 1.15 -15.99
N SER A 181 -0.13 1.65 -15.01
CA SER A 181 -1.57 1.78 -15.14
C SER A 181 -1.99 2.99 -15.97
N GLY A 182 -1.10 3.99 -16.06
CA GLY A 182 -1.43 5.25 -16.71
C GLY A 182 -1.77 6.38 -15.75
N ALA A 183 -2.01 6.06 -14.47
CA ALA A 183 -2.29 7.07 -13.46
C ALA A 183 -1.01 7.82 -13.12
N LEU A 184 -1.16 8.95 -12.45
CA LEU A 184 -0.04 9.77 -12.08
C LEU A 184 0.35 9.49 -10.63
N PRO A 185 1.59 9.04 -10.39
CA PRO A 185 1.99 8.73 -9.01
C PRO A 185 2.52 9.92 -8.24
N ILE A 186 2.19 9.98 -6.95
CA ILE A 186 2.84 10.88 -6.03
C ILE A 186 3.25 10.03 -4.84
N GLY A 187 4.56 9.86 -4.68
CA GLY A 187 5.07 8.97 -3.66
C GLY A 187 5.28 9.69 -2.34
N VAL A 188 5.22 8.94 -1.25
CA VAL A 188 5.55 9.46 0.07
C VAL A 188 6.67 8.61 0.67
N GLY A 189 7.77 9.25 0.98
CA GLY A 189 8.94 8.57 1.50
C GLY A 189 10.21 9.29 1.10
N ARG A 190 11.28 8.52 1.00
CA ARG A 190 12.62 9.05 0.79
C ARG A 190 13.02 8.85 -0.68
N PRO A 191 13.56 9.90 -1.33
CA PRO A 191 14.05 9.70 -2.70
C PRO A 191 15.07 8.57 -2.85
N GLU A 192 15.87 8.32 -1.83
CA GLU A 192 16.85 7.25 -1.95
C GLU A 192 16.14 5.90 -2.11
N ASP A 193 14.94 5.78 -1.58
CA ASP A 193 14.15 4.55 -1.72
C ASP A 193 13.24 4.56 -2.96
N LEU A 194 12.62 5.71 -3.26
CA LEU A 194 11.51 5.74 -4.22
C LEU A 194 11.84 6.39 -5.54
N GLY A 195 13.02 6.98 -5.64
CA GLY A 195 13.49 7.54 -6.90
C GLY A 195 13.35 9.05 -6.99
N ASP A 196 13.86 9.58 -8.09
CA ASP A 196 13.85 11.02 -8.31
C ASP A 196 13.18 11.39 -9.62
N ASP A 197 12.44 10.45 -10.20
CA ASP A 197 11.83 10.69 -11.49
C ASP A 197 10.32 10.97 -11.44
N ILE A 198 9.71 10.81 -10.27
CA ILE A 198 8.35 11.25 -10.04
C ILE A 198 8.31 12.21 -8.85
N VAL A 199 7.17 12.80 -8.57
CA VAL A 199 7.03 13.62 -7.38
C VAL A 199 7.00 12.76 -6.13
N ILE A 200 7.90 13.08 -5.18
CA ILE A 200 8.01 12.41 -3.90
C ILE A 200 7.92 13.46 -2.80
N VAL A 201 7.07 13.24 -1.80
CA VAL A 201 6.96 14.10 -0.64
C VAL A 201 7.42 13.33 0.59
N PRO A 202 7.92 14.03 1.63
CA PRO A 202 8.55 13.31 2.74
C PRO A 202 7.57 12.74 3.76
N ASP A 203 6.35 13.27 3.81
CA ASP A 203 5.37 12.80 4.75
C ASP A 203 4.00 13.18 4.22
N THR A 204 2.97 12.57 4.77
CA THR A 204 1.63 12.72 4.21
C THR A 204 0.95 14.06 4.48
N SER A 205 1.50 14.92 5.33
CA SER A 205 0.93 16.26 5.46
C SER A 205 0.95 16.98 4.12
N HIS A 206 1.87 16.58 3.23
CA HIS A 206 1.99 17.13 1.90
C HIS A 206 0.86 16.74 0.95
N TYR A 207 0.11 15.70 1.32
CA TYR A 207 -1.00 15.26 0.51
C TYR A 207 -2.23 16.11 0.82
N THR A 208 -2.22 17.33 0.31
CA THR A 208 -3.39 18.22 0.32
C THR A 208 -4.01 18.25 -1.07
N LEU A 209 -5.30 18.52 -1.14
CA LEU A 209 -5.94 18.70 -2.43
C LEU A 209 -5.20 19.82 -3.19
N GLU A 210 -4.79 20.88 -2.50
CA GLU A 210 -4.07 21.98 -3.16
C GLU A 210 -2.84 21.40 -3.89
N PHE A 211 -2.06 20.57 -3.21
CA PHE A 211 -0.85 20.02 -3.82
C PHE A 211 -1.15 19.03 -4.92
N LEU A 212 -2.15 18.18 -4.76
CA LEU A 212 -2.50 17.30 -5.86
C LEU A 212 -2.86 18.11 -7.11
N LYS A 213 -3.59 19.22 -6.95
CA LYS A 213 -3.87 20.11 -8.08
C LYS A 213 -2.60 20.74 -8.63
N GLU A 214 -1.69 21.16 -7.74
CA GLU A 214 -0.42 21.75 -8.17
C GLU A 214 0.33 20.78 -9.08
N VAL A 215 0.41 19.52 -8.64
CA VAL A 215 1.11 18.49 -9.39
C VAL A 215 0.42 18.17 -10.69
N TRP A 216 -0.90 18.04 -10.64
CA TRP A 216 -1.66 17.72 -11.84
C TRP A 216 -1.46 18.78 -12.93
N LEU A 217 -1.44 20.05 -12.54
CA LEU A 217 -1.22 21.15 -13.49
C LEU A 217 0.21 21.09 -14.00
N GLN A 218 1.10 20.90 -13.04
CA GLN A 218 2.52 20.62 -13.26
C GLN A 218 3.40 21.85 -13.18
#